data_1M67
#
_entry.id   1M67
#
_cell.length_a   70.503
_cell.length_b   70.503
_cell.length_c   211.738
_cell.angle_alpha   90.00
_cell.angle_beta   90.00
_cell.angle_gamma   90.00
#
_symmetry.space_group_name_H-M   'P 41 21 2'
#
loop_
_entity.id
_entity.type
_entity.pdbx_description
1 polymer 'Glycerol-3-phosphate dehydrogenase'
2 non-polymer 2-BROMO-6-HYDROXY-PURINE
3 non-polymer 'PALMITIC ACID'
4 water water
#
_entity_poly.entity_id   1
_entity_poly.type   'polypeptide(L)'
_entity_poly.pdbx_seq_one_letter_code
;MSTKQHSAKDELLYLNKAVVFGSGAFGTALAMVLSKKCREVCVWHMNEEEVRLVNEKRENVLFLKGVQLASNITFTSDVE
KAYNGAEIILFVIPTQFLRGFFEKSGGNLIAYAKEKQVPVLVCTKGIERSTLKFPAEIIGEFLPSPLLSVLAGPSFAIEV
ATGVFTCVSIASADINVARRLQRIMSTGDRSFVCWATTDTVGCEVASAVKNVLAIGSGVANGLGMGLNARAALIMRGLLE
IRDLTAALGGDGSAVFGLAGLGDLQLTCSSELSRNFTVGKKLGKGLPIEEIQRTSKAVAEGVATADPLMRLAKQLKVKMP
LCHQIYEIVYKKKNPRDALADLLSCGLQDEGLPPLFKRSASTPSKL
;
_entity_poly.pdbx_strand_id   A
#
loop_
_chem_comp.id
_chem_comp.type
_chem_comp.name
_chem_comp.formula
BOA non-polymer 2-BROMO-6-HYDROXY-PURINE 'C5 H3 Br N4 O'
PLM non-polymer 'PALMITIC ACID' 'C16 H32 O2'
#
# COMPACT_ATOMS: atom_id res chain seq x y z
N LYS A 9 4.93 -2.75 -24.96
CA LYS A 9 4.68 -1.63 -25.93
C LYS A 9 4.84 -0.28 -25.21
N ASP A 10 5.47 0.67 -25.88
CA ASP A 10 5.71 1.99 -25.31
C ASP A 10 4.64 3.02 -25.68
N GLU A 11 3.47 2.55 -26.11
CA GLU A 11 2.36 3.40 -26.54
C GLU A 11 1.16 3.35 -25.57
N LEU A 12 0.69 4.50 -25.13
CA LEU A 12 -0.33 4.55 -24.08
C LEU A 12 -1.76 4.21 -24.49
N LEU A 13 -2.58 3.93 -23.48
CA LEU A 13 -3.98 3.61 -23.70
C LEU A 13 -4.85 4.61 -22.95
N TYR A 14 -5.84 5.15 -23.64
CA TYR A 14 -6.77 6.06 -23.01
C TYR A 14 -8.12 5.36 -23.02
N LEU A 15 -8.95 5.64 -22.04
CA LEU A 15 -10.23 4.99 -21.90
C LEU A 15 -11.35 5.98 -21.75
N ASN A 16 -12.57 5.47 -21.84
CA ASN A 16 -13.75 6.30 -21.62
C ASN A 16 -14.08 6.41 -20.16
N LYS A 17 -13.94 5.32 -19.40
CA LYS A 17 -14.28 5.37 -17.98
C LYS A 17 -13.37 4.57 -17.04
N ALA A 18 -13.31 5.05 -15.79
CA ALA A 18 -12.55 4.41 -14.74
C ALA A 18 -13.26 4.70 -13.44
N VAL A 19 -13.30 3.69 -12.57
CA VAL A 19 -13.91 3.86 -11.27
C VAL A 19 -12.82 3.53 -10.29
N VAL A 20 -12.86 4.18 -9.13
CA VAL A 20 -11.92 3.92 -8.06
C VAL A 20 -12.73 3.71 -6.80
N PHE A 21 -12.61 2.54 -6.18
CA PHE A 21 -13.30 2.26 -4.92
C PHE A 21 -12.34 2.52 -3.76
N GLY A 22 -12.58 3.60 -3.04
CA GLY A 22 -11.69 4.01 -1.97
C GLY A 22 -11.51 5.52 -2.12
N SER A 23 -11.92 6.27 -1.13
CA SER A 23 -11.91 7.71 -1.27
C SER A 23 -10.81 8.35 -0.43
N GLY A 24 -9.71 7.64 -0.25
CA GLY A 24 -8.64 8.18 0.57
C GLY A 24 -7.70 9.06 -0.21
N ALA A 25 -6.63 9.46 0.46
CA ALA A 25 -5.63 10.33 -0.15
C ALA A 25 -5.03 9.64 -1.35
N PHE A 26 -4.82 8.34 -1.22
CA PHE A 26 -4.20 7.53 -2.26
C PHE A 26 -5.08 7.29 -3.48
N GLY A 27 -6.32 6.88 -3.25
CA GLY A 27 -7.23 6.60 -4.36
C GLY A 27 -7.57 7.89 -5.08
N THR A 28 -7.85 8.91 -4.29
CA THR A 28 -8.13 10.25 -4.83
C THR A 28 -6.99 10.72 -5.73
N ALA A 29 -5.76 10.62 -5.22
CA ALA A 29 -4.57 10.92 -6.01
C ALA A 29 -4.49 10.06 -7.28
N LEU A 30 -4.86 8.78 -7.15
CA LEU A 30 -4.82 7.87 -8.30
C LEU A 30 -5.85 8.29 -9.36
N ALA A 31 -7.01 8.75 -8.90
CA ALA A 31 -8.07 9.28 -9.79
C ALA A 31 -7.63 10.53 -10.62
N MET A 32 -6.68 11.28 -10.08
CA MET A 32 -6.13 12.42 -10.78
C MET A 32 -5.27 11.92 -11.95
N VAL A 33 -4.64 10.76 -11.78
CA VAL A 33 -3.82 10.23 -12.85
C VAL A 33 -4.75 9.75 -13.93
N LEU A 34 -5.75 8.99 -13.49
CA LEU A 34 -6.76 8.42 -14.37
C LEU A 34 -7.50 9.55 -15.07
N SER A 35 -7.79 10.62 -14.33
CA SER A 35 -8.50 11.75 -14.94
C SER A 35 -7.77 12.27 -16.15
N LYS A 36 -6.48 12.01 -16.23
CA LYS A 36 -5.73 12.44 -17.41
C LYS A 36 -5.62 11.37 -18.48
N LYS A 37 -6.17 10.18 -18.21
CA LYS A 37 -6.10 9.09 -19.15
C LYS A 37 -7.48 8.53 -19.47
N CYS A 38 -8.46 8.92 -18.66
CA CYS A 38 -9.82 8.51 -18.89
C CYS A 38 -10.80 9.68 -19.03
N ARG A 39 -11.58 9.64 -20.11
CA ARG A 39 -12.68 10.57 -20.33
C ARG A 39 -13.37 10.82 -19.00
N GLU A 40 -13.89 9.75 -18.41
CA GLU A 40 -14.62 9.85 -17.16
C GLU A 40 -13.99 9.01 -16.02
N VAL A 41 -14.12 9.48 -14.78
CA VAL A 41 -13.59 8.77 -13.63
C VAL A 41 -14.52 8.98 -12.44
N CYS A 42 -15.11 7.89 -11.93
CA CYS A 42 -15.91 8.00 -10.72
C CYS A 42 -15.08 7.53 -9.56
N VAL A 43 -15.27 8.15 -8.41
CA VAL A 43 -14.61 7.70 -7.20
C VAL A 43 -15.69 7.34 -6.19
N TRP A 44 -15.72 6.07 -5.78
CA TRP A 44 -16.76 5.62 -4.86
C TRP A 44 -16.52 5.90 -3.38
N HIS A 45 -17.35 6.76 -2.80
CA HIS A 45 -17.30 7.03 -1.38
C HIS A 45 -18.68 6.65 -0.86
N MET A 46 -18.77 6.08 0.33
CA MET A 46 -20.08 5.59 0.79
C MET A 46 -21.10 6.62 1.27
N ASN A 47 -20.66 7.60 2.06
CA ASN A 47 -21.58 8.64 2.53
C ASN A 47 -22.08 9.55 1.39
N GLU A 48 -23.38 9.40 1.05
CA GLU A 48 -23.97 10.14 -0.07
C GLU A 48 -23.88 11.64 0.10
N GLU A 49 -24.02 12.11 1.34
CA GLU A 49 -23.95 13.54 1.58
C GLU A 49 -22.55 14.06 1.27
N GLU A 50 -21.53 13.33 1.72
CA GLU A 50 -20.16 13.71 1.44
C GLU A 50 -19.90 13.71 -0.06
N VAL A 51 -20.40 12.70 -0.76
CA VAL A 51 -20.26 12.62 -2.21
C VAL A 51 -20.67 13.92 -2.88
N ARG A 52 -21.82 14.46 -2.48
CA ARG A 52 -22.32 15.72 -3.04
C ARG A 52 -21.39 16.87 -2.68
N LEU A 53 -21.07 17.00 -1.40
CA LEU A 53 -20.16 18.04 -0.95
C LEU A 53 -18.94 18.08 -1.86
N VAL A 54 -18.12 17.04 -1.80
CA VAL A 54 -16.91 16.94 -2.61
C VAL A 54 -17.16 17.39 -4.05
N ASN A 55 -18.24 16.90 -4.65
CA ASN A 55 -18.59 17.25 -6.03
C ASN A 55 -18.88 18.74 -6.20
N GLU A 56 -19.46 19.35 -5.17
CA GLU A 56 -19.76 20.77 -5.21
C GLU A 56 -18.49 21.60 -5.10
N LYS A 57 -17.69 21.30 -4.08
CA LYS A 57 -16.44 22.01 -3.82
C LYS A 57 -15.36 21.69 -4.85
N ARG A 58 -15.62 20.74 -5.74
CA ARG A 58 -14.67 20.35 -6.74
C ARG A 58 -13.34 19.99 -6.06
N GLU A 59 -13.44 19.40 -4.87
CA GLU A 59 -12.25 19.04 -4.12
C GLU A 59 -12.55 18.05 -2.99
N ASN A 60 -11.75 17.00 -2.89
CA ASN A 60 -11.91 16.05 -1.81
C ASN A 60 -11.43 16.69 -0.53
N VAL A 61 -12.28 17.48 0.09
CA VAL A 61 -11.92 18.15 1.34
C VAL A 61 -11.86 17.14 2.46
N LEU A 62 -12.18 15.90 2.13
CA LEU A 62 -12.19 14.82 3.12
C LEU A 62 -10.82 14.26 3.44
N PHE A 63 -10.04 13.86 2.43
CA PHE A 63 -8.77 13.18 2.69
C PHE A 63 -7.55 13.68 1.92
N LEU A 64 -7.79 14.55 0.93
CA LEU A 64 -6.71 15.15 0.17
C LEU A 64 -6.96 16.65 0.08
N LYS A 65 -6.88 17.31 1.22
CA LYS A 65 -7.12 18.75 1.30
C LYS A 65 -6.14 19.52 0.42
N GLY A 66 -6.62 20.62 -0.15
CA GLY A 66 -5.78 21.51 -0.94
C GLY A 66 -5.50 21.09 -2.37
N VAL A 67 -6.17 20.07 -2.87
CA VAL A 67 -5.95 19.65 -4.24
C VAL A 67 -7.22 19.80 -5.07
N GLN A 68 -7.07 20.27 -6.29
CA GLN A 68 -8.19 20.50 -7.17
C GLN A 68 -8.54 19.36 -8.10
N LEU A 69 -9.62 18.67 -7.81
CA LEU A 69 -10.03 17.55 -8.61
C LEU A 69 -10.17 17.95 -10.05
N ALA A 70 -9.64 17.13 -10.95
CA ALA A 70 -9.87 17.38 -12.35
C ALA A 70 -11.38 17.53 -12.45
N SER A 71 -11.85 18.19 -13.49
CA SER A 71 -13.28 18.39 -13.60
C SER A 71 -13.98 17.08 -14.01
N ASN A 72 -13.24 16.17 -14.65
CA ASN A 72 -13.84 14.90 -15.06
C ASN A 72 -13.87 13.81 -13.95
N ILE A 73 -13.61 14.22 -12.72
CA ILE A 73 -13.67 13.30 -11.59
C ILE A 73 -14.97 13.55 -10.85
N THR A 74 -15.76 12.50 -10.67
CA THR A 74 -17.02 12.66 -9.95
C THR A 74 -17.17 11.62 -8.85
N PHE A 75 -17.37 12.09 -7.62
CA PHE A 75 -17.59 11.20 -6.49
C PHE A 75 -19.03 10.70 -6.52
N THR A 76 -19.23 9.41 -6.23
CA THR A 76 -20.57 8.82 -6.16
C THR A 76 -20.68 7.74 -5.10
N SER A 77 -21.82 7.69 -4.42
CA SER A 77 -22.03 6.73 -3.34
C SER A 77 -22.84 5.52 -3.79
N ASP A 78 -23.05 5.41 -5.08
CA ASP A 78 -23.88 4.38 -5.68
C ASP A 78 -22.98 3.43 -6.46
N VAL A 79 -22.62 2.32 -5.83
CA VAL A 79 -21.75 1.33 -6.42
C VAL A 79 -22.09 1.10 -7.87
N GLU A 80 -23.38 1.00 -8.14
CA GLU A 80 -23.89 0.70 -9.47
C GLU A 80 -23.53 1.76 -10.49
N LYS A 81 -23.56 3.02 -10.07
CA LYS A 81 -23.17 4.11 -10.97
C LYS A 81 -21.66 4.14 -11.09
N ALA A 82 -21.00 3.75 -10.01
CA ALA A 82 -19.55 3.77 -10.00
C ALA A 82 -18.90 2.92 -11.10
N TYR A 83 -19.28 1.65 -11.21
CA TYR A 83 -18.61 0.74 -12.15
C TYR A 83 -19.19 0.62 -13.56
N ASN A 84 -20.45 0.99 -13.72
CA ASN A 84 -21.12 0.83 -15.02
C ASN A 84 -20.36 1.56 -16.12
N GLY A 85 -19.83 0.82 -17.09
CA GLY A 85 -19.04 1.42 -18.13
C GLY A 85 -17.54 1.42 -17.85
N ALA A 86 -17.15 1.41 -16.58
CA ALA A 86 -15.73 1.42 -16.21
C ALA A 86 -14.95 0.42 -17.01
N GLU A 87 -13.79 0.84 -17.49
CA GLU A 87 -12.92 -0.04 -18.27
C GLU A 87 -11.67 -0.39 -17.47
N ILE A 88 -11.64 0.07 -16.23
CA ILE A 88 -10.61 -0.31 -15.27
C ILE A 88 -11.21 -0.06 -13.92
N ILE A 89 -10.91 -0.95 -12.97
CA ILE A 89 -11.41 -0.81 -11.62
C ILE A 89 -10.24 -0.79 -10.64
N LEU A 90 -10.21 0.19 -9.77
CA LEU A 90 -9.18 0.24 -8.75
C LEU A 90 -9.83 0.02 -7.39
N PHE A 91 -9.23 -0.85 -6.57
CA PHE A 91 -9.67 -1.02 -5.19
C PHE A 91 -8.66 -0.40 -4.29
N VAL A 92 -9.14 0.37 -3.33
CA VAL A 92 -8.24 1.06 -2.42
C VAL A 92 -8.94 1.14 -1.09
N ILE A 93 -10.08 0.49 -1.04
CA ILE A 93 -10.86 0.34 0.18
C ILE A 93 -9.90 -0.32 1.17
N PRO A 94 -9.93 0.12 2.42
CA PRO A 94 -9.01 -0.40 3.44
C PRO A 94 -9.26 -1.90 3.68
N THR A 95 -8.24 -2.60 4.15
CA THR A 95 -8.27 -4.06 4.25
C THR A 95 -9.48 -4.58 5.01
N GLN A 96 -9.63 -4.04 6.21
CA GLN A 96 -10.68 -4.40 7.13
C GLN A 96 -12.11 -4.39 6.56
N PHE A 97 -12.39 -3.54 5.56
CA PHE A 97 -13.72 -3.50 4.99
C PHE A 97 -13.76 -4.19 3.65
N LEU A 98 -12.61 -4.60 3.14
CA LEU A 98 -12.57 -5.19 1.80
C LEU A 98 -13.61 -6.27 1.61
N ARG A 99 -13.47 -7.38 2.36
CA ARG A 99 -14.35 -8.53 2.24
C ARG A 99 -15.82 -8.16 2.36
N GLY A 100 -16.15 -7.38 3.40
CA GLY A 100 -17.51 -6.92 3.62
C GLY A 100 -18.06 -6.09 2.46
N PHE A 101 -17.19 -5.35 1.76
CA PHE A 101 -17.68 -4.61 0.60
C PHE A 101 -18.12 -5.62 -0.43
N PHE A 102 -17.25 -6.58 -0.72
CA PHE A 102 -17.59 -7.58 -1.70
C PHE A 102 -18.84 -8.39 -1.31
N GLU A 103 -18.98 -8.75 -0.05
CA GLU A 103 -20.14 -9.54 0.36
C GLU A 103 -21.45 -8.75 0.31
N LYS A 104 -21.42 -7.54 0.86
CA LYS A 104 -22.61 -6.69 0.93
C LYS A 104 -22.94 -5.87 -0.33
N SER A 105 -21.95 -5.56 -1.18
CA SER A 105 -22.26 -4.73 -2.36
C SER A 105 -21.61 -5.11 -3.71
N GLY A 106 -20.76 -6.13 -3.71
CA GLY A 106 -20.01 -6.47 -4.91
C GLY A 106 -20.72 -7.35 -5.89
N GLY A 107 -21.90 -7.84 -5.50
CA GLY A 107 -22.65 -8.75 -6.33
C GLY A 107 -22.67 -8.38 -7.79
N ASN A 108 -23.30 -7.25 -8.08
CA ASN A 108 -23.41 -6.80 -9.48
C ASN A 108 -22.05 -6.42 -10.05
N LEU A 109 -21.26 -5.73 -9.24
CA LEU A 109 -19.88 -5.39 -9.62
C LEU A 109 -19.05 -6.60 -10.08
N ILE A 110 -19.08 -7.69 -9.32
CA ILE A 110 -18.31 -8.88 -9.65
C ILE A 110 -18.72 -9.44 -10.99
N ALA A 111 -20.02 -9.60 -11.17
CA ALA A 111 -20.57 -10.16 -12.39
C ALA A 111 -20.19 -9.29 -13.57
N TYR A 112 -20.33 -7.98 -13.37
CA TYR A 112 -19.93 -7.05 -14.44
C TYR A 112 -18.47 -7.21 -14.82
N ALA A 113 -17.59 -7.23 -13.81
CA ALA A 113 -16.16 -7.38 -14.04
C ALA A 113 -15.86 -8.66 -14.79
N LYS A 114 -16.46 -9.76 -14.34
CA LYS A 114 -16.25 -11.05 -14.99
C LYS A 114 -16.76 -11.03 -16.44
N GLU A 115 -18.00 -10.57 -16.60
CA GLU A 115 -18.61 -10.53 -17.92
C GLU A 115 -17.78 -9.75 -18.94
N LYS A 116 -17.34 -8.54 -18.59
CA LYS A 116 -16.59 -7.74 -19.55
C LYS A 116 -15.08 -7.82 -19.41
N GLN A 117 -14.60 -8.75 -18.59
CA GLN A 117 -13.16 -8.90 -18.42
C GLN A 117 -12.48 -7.56 -18.11
N VAL A 118 -13.01 -6.85 -17.13
CA VAL A 118 -12.48 -5.56 -16.75
C VAL A 118 -11.27 -5.73 -15.84
N PRO A 119 -10.16 -5.12 -16.21
CA PRO A 119 -8.92 -5.23 -15.43
C PRO A 119 -9.12 -4.61 -14.04
N VAL A 120 -8.62 -5.30 -13.02
CA VAL A 120 -8.81 -4.79 -11.70
C VAL A 120 -7.45 -4.46 -11.11
N LEU A 121 -7.39 -3.36 -10.40
CA LEU A 121 -6.10 -2.94 -9.88
C LEU A 121 -6.20 -2.74 -8.39
N VAL A 122 -5.43 -3.55 -7.69
CA VAL A 122 -5.44 -3.54 -6.27
C VAL A 122 -4.40 -2.58 -5.71
N CYS A 123 -4.87 -1.65 -4.91
CA CYS A 123 -3.97 -0.65 -4.33
C CYS A 123 -4.09 -0.64 -2.83
N THR A 124 -5.04 -1.41 -2.30
CA THR A 124 -5.22 -1.61 -0.87
C THR A 124 -3.99 -2.32 -0.31
N LYS A 125 -3.63 -2.00 0.93
CA LYS A 125 -2.42 -2.55 1.55
C LYS A 125 -2.68 -3.03 2.96
N GLY A 126 -2.10 -4.17 3.33
CA GLY A 126 -2.25 -4.70 4.67
C GLY A 126 -2.34 -6.21 4.79
N ILE A 127 -2.70 -6.68 5.98
CA ILE A 127 -2.96 -8.10 6.25
C ILE A 127 -4.33 -8.17 6.97
N GLU A 128 -5.25 -8.98 6.47
CA GLU A 128 -6.57 -9.12 7.09
C GLU A 128 -6.40 -9.99 8.34
N ARG A 129 -6.90 -9.53 9.47
CA ARG A 129 -6.70 -10.24 10.75
C ARG A 129 -7.30 -11.65 10.76
N SER A 130 -8.51 -11.80 10.26
CA SER A 130 -9.15 -13.11 10.34
C SER A 130 -8.40 -14.23 9.62
N THR A 131 -8.02 -13.97 8.37
CA THR A 131 -7.39 -14.95 7.51
C THR A 131 -5.87 -14.78 7.34
N LEU A 132 -5.35 -13.63 7.74
CA LEU A 132 -3.95 -13.30 7.48
C LEU A 132 -3.66 -13.35 5.97
N LYS A 133 -4.63 -12.92 5.18
CA LYS A 133 -4.41 -12.85 3.75
C LYS A 133 -4.18 -11.37 3.37
N PHE A 134 -3.61 -11.17 2.20
CA PHE A 134 -3.31 -9.84 1.68
C PHE A 134 -4.45 -9.34 0.78
N PRO A 135 -4.46 -8.06 0.48
CA PRO A 135 -5.60 -7.45 -0.22
C PRO A 135 -5.96 -8.06 -1.57
N ALA A 136 -5.00 -8.23 -2.48
CA ALA A 136 -5.28 -8.85 -3.75
C ALA A 136 -5.75 -10.33 -3.59
N GLU A 137 -5.23 -11.02 -2.59
CA GLU A 137 -5.64 -12.40 -2.32
C GLU A 137 -7.11 -12.44 -1.89
N ILE A 138 -7.51 -11.49 -1.06
CA ILE A 138 -8.91 -11.40 -0.65
C ILE A 138 -9.73 -11.20 -1.90
N ILE A 139 -9.51 -10.07 -2.56
CA ILE A 139 -10.20 -9.74 -3.79
C ILE A 139 -10.20 -10.93 -4.74
N GLY A 140 -9.14 -11.71 -4.75
CA GLY A 140 -9.13 -12.93 -5.57
C GLY A 140 -10.12 -14.04 -5.17
N GLU A 141 -10.81 -13.88 -4.05
CA GLU A 141 -11.78 -14.90 -3.65
C GLU A 141 -13.10 -14.51 -4.28
N PHE A 142 -13.15 -13.28 -4.79
CA PHE A 142 -14.36 -12.82 -5.44
C PHE A 142 -14.15 -12.63 -6.93
N LEU A 143 -12.92 -12.45 -7.36
CA LEU A 143 -12.64 -12.19 -8.77
C LEU A 143 -11.50 -13.06 -9.32
N PRO A 144 -11.68 -13.54 -10.54
CA PRO A 144 -10.69 -14.43 -11.16
C PRO A 144 -9.32 -13.79 -11.19
N SER A 145 -8.31 -14.49 -10.66
CA SER A 145 -6.96 -13.93 -10.59
C SER A 145 -6.44 -13.29 -11.86
N PRO A 146 -6.71 -13.88 -13.01
CA PRO A 146 -6.26 -13.31 -14.28
C PRO A 146 -6.64 -11.83 -14.49
N LEU A 147 -7.75 -11.37 -13.95
CA LEU A 147 -8.12 -9.96 -14.11
C LEU A 147 -7.40 -9.03 -13.11
N LEU A 148 -6.57 -9.60 -12.24
CA LEU A 148 -6.03 -8.82 -11.14
C LEU A 148 -4.58 -8.41 -11.25
N SER A 149 -4.33 -7.16 -10.84
CA SER A 149 -3.00 -6.62 -10.80
C SER A 149 -2.78 -5.89 -9.47
N VAL A 150 -1.53 -5.64 -9.12
CA VAL A 150 -1.22 -4.92 -7.90
C VAL A 150 -0.37 -3.70 -8.18
N LEU A 151 -0.72 -2.55 -7.61
CA LEU A 151 0.13 -1.35 -7.75
C LEU A 151 0.89 -1.05 -6.45
N ALA A 152 2.20 -0.84 -6.56
CA ALA A 152 3.04 -0.53 -5.40
C ALA A 152 4.30 0.22 -5.83
N GLY A 153 4.84 1.04 -4.94
CA GLY A 153 6.01 1.84 -5.22
C GLY A 153 6.01 3.09 -4.36
N PRO A 154 7.07 3.88 -4.40
CA PRO A 154 7.17 5.04 -3.53
C PRO A 154 6.25 6.10 -4.09
N SER A 155 5.18 6.43 -3.40
CA SER A 155 4.17 7.33 -3.96
C SER A 155 3.36 8.09 -2.91
N PHE A 156 3.96 9.15 -2.38
CA PHE A 156 3.26 10.02 -1.48
C PHE A 156 2.09 10.61 -2.26
N ALA A 157 0.91 10.55 -1.66
CA ALA A 157 -0.34 10.95 -2.29
C ALA A 157 -0.36 12.36 -2.84
N ILE A 158 0.09 13.32 -2.06
CA ILE A 158 0.09 14.69 -2.55
C ILE A 158 0.92 14.79 -3.82
N GLU A 159 2.12 14.24 -3.79
CA GLU A 159 2.97 14.28 -4.96
C GLU A 159 2.29 13.64 -6.16
N VAL A 160 1.66 12.48 -5.97
CA VAL A 160 0.98 11.83 -7.08
C VAL A 160 -0.22 12.65 -7.55
N ALA A 161 -0.97 13.21 -6.60
CA ALA A 161 -2.13 14.02 -6.94
C ALA A 161 -1.78 15.29 -7.72
N THR A 162 -0.66 15.92 -7.42
CA THR A 162 -0.29 17.12 -8.16
C THR A 162 0.68 16.91 -9.30
N GLY A 163 0.86 15.68 -9.74
CA GLY A 163 1.68 15.42 -10.94
C GLY A 163 3.20 15.47 -10.81
N VAL A 164 3.72 15.46 -9.59
CA VAL A 164 5.15 15.49 -9.38
C VAL A 164 5.72 14.09 -9.59
N PHE A 165 6.82 14.02 -10.35
CA PHE A 165 7.42 12.77 -10.78
C PHE A 165 7.39 11.55 -9.84
N THR A 166 6.70 10.51 -10.31
CA THR A 166 6.53 9.33 -9.52
C THR A 166 6.63 8.10 -10.36
N CYS A 167 7.34 7.10 -9.83
CA CYS A 167 7.48 5.80 -10.43
C CYS A 167 6.94 4.77 -9.48
N VAL A 168 6.03 3.94 -9.97
CA VAL A 168 5.48 2.83 -9.20
C VAL A 168 5.63 1.58 -10.06
N SER A 169 5.37 0.43 -9.47
CA SER A 169 5.42 -0.77 -10.24
C SER A 169 4.05 -1.39 -10.19
N ILE A 170 3.73 -2.14 -11.23
CA ILE A 170 2.47 -2.84 -11.35
C ILE A 170 2.81 -4.30 -11.49
N ALA A 171 2.18 -5.17 -10.72
CA ALA A 171 2.47 -6.59 -10.82
C ALA A 171 1.25 -7.44 -11.06
N SER A 172 1.45 -8.44 -11.91
CA SER A 172 0.43 -9.41 -12.26
C SER A 172 1.10 -10.77 -12.50
N ALA A 173 0.37 -11.84 -12.23
CA ALA A 173 0.89 -13.19 -12.50
C ALA A 173 1.43 -13.22 -13.91
N ASP A 174 0.58 -12.80 -14.84
CA ASP A 174 0.97 -12.68 -16.23
C ASP A 174 1.57 -11.28 -16.49
N ILE A 175 2.86 -11.25 -16.82
CA ILE A 175 3.51 -9.99 -17.13
C ILE A 175 2.69 -9.19 -18.14
N ASN A 176 2.08 -9.90 -19.08
CA ASN A 176 1.29 -9.23 -20.10
C ASN A 176 0.10 -8.48 -19.55
N VAL A 177 -0.39 -8.89 -18.39
CA VAL A 177 -1.51 -8.15 -17.81
C VAL A 177 -0.98 -6.86 -17.20
N ALA A 178 0.21 -6.96 -16.62
CA ALA A 178 0.87 -5.84 -15.99
C ALA A 178 1.25 -4.77 -17.02
N ARG A 179 1.66 -5.23 -18.21
CA ARG A 179 2.08 -4.35 -19.29
C ARG A 179 0.91 -3.58 -19.85
N ARG A 180 -0.27 -4.18 -19.86
CA ARG A 180 -1.45 -3.49 -20.34
C ARG A 180 -1.94 -2.48 -19.32
N LEU A 181 -1.75 -2.76 -18.03
CA LEU A 181 -2.14 -1.82 -16.99
C LEU A 181 -1.11 -0.69 -16.96
N GLN A 182 0.12 -1.05 -17.29
CA GLN A 182 1.22 -0.12 -17.36
C GLN A 182 0.92 0.97 -18.39
N ARG A 183 0.10 0.61 -19.39
CA ARG A 183 -0.20 1.50 -20.50
C ARG A 183 -1.45 2.33 -20.23
N ILE A 184 -2.20 1.99 -19.19
CA ILE A 184 -3.40 2.72 -18.83
C ILE A 184 -3.12 3.70 -17.71
N MET A 185 -2.12 3.37 -16.89
CA MET A 185 -1.84 4.17 -15.69
C MET A 185 -0.74 5.19 -15.93
N SER A 186 0.09 4.93 -16.94
CA SER A 186 1.15 5.85 -17.26
C SER A 186 0.60 7.10 -17.97
N THR A 187 0.98 8.28 -17.48
CA THR A 187 0.46 9.54 -18.02
C THR A 187 1.19 10.05 -19.25
N GLY A 188 0.53 10.94 -19.99
CA GLY A 188 1.10 11.50 -21.22
C GLY A 188 2.33 12.37 -21.08
N ASP A 189 2.51 12.97 -19.91
CA ASP A 189 3.68 13.83 -19.69
C ASP A 189 4.84 13.13 -18.99
N ARG A 190 4.77 11.81 -18.88
CA ARG A 190 5.74 10.99 -18.15
C ARG A 190 5.92 11.44 -16.71
N SER A 191 4.84 11.91 -16.07
CA SER A 191 4.92 12.26 -14.65
C SER A 191 4.50 11.07 -13.73
N PHE A 192 3.81 10.08 -14.28
CA PHE A 192 3.46 8.88 -13.51
C PHE A 192 3.91 7.73 -14.41
N VAL A 193 5.02 7.09 -14.04
CA VAL A 193 5.62 6.04 -14.85
C VAL A 193 5.54 4.67 -14.17
N CYS A 194 4.96 3.70 -14.85
CA CYS A 194 4.74 2.39 -14.28
C CYS A 194 5.73 1.33 -14.83
N TRP A 195 6.36 0.59 -13.94
CA TRP A 195 7.25 -0.50 -14.36
C TRP A 195 6.58 -1.86 -14.13
N ALA A 196 6.66 -2.76 -15.10
CA ALA A 196 6.02 -4.08 -14.94
C ALA A 196 6.89 -5.13 -14.19
N THR A 197 6.21 -5.97 -13.41
CA THR A 197 6.86 -7.06 -12.66
C THR A 197 5.83 -8.17 -12.44
N THR A 198 6.26 -9.38 -12.08
CA THR A 198 5.27 -10.47 -11.81
C THR A 198 5.12 -10.71 -10.33
N ASP A 199 5.96 -10.07 -9.53
CA ASP A 199 5.99 -10.38 -8.11
C ASP A 199 4.85 -9.80 -7.31
N THR A 200 3.64 -10.33 -7.49
CA THR A 200 2.50 -9.78 -6.78
C THR A 200 2.70 -9.89 -5.29
N VAL A 201 3.23 -11.04 -4.85
CA VAL A 201 3.39 -11.32 -3.43
C VAL A 201 4.43 -10.41 -2.76
N GLY A 202 5.61 -10.33 -3.37
CA GLY A 202 6.62 -9.43 -2.85
C GLY A 202 6.02 -8.04 -2.72
N CYS A 203 5.32 -7.60 -3.77
CA CYS A 203 4.69 -6.28 -3.71
C CYS A 203 3.82 -6.14 -2.48
N GLU A 204 2.91 -7.09 -2.29
CA GLU A 204 1.99 -6.99 -1.15
C GLU A 204 2.69 -7.13 0.20
N VAL A 205 3.69 -8.00 0.30
CA VAL A 205 4.44 -8.09 1.53
C VAL A 205 5.15 -6.74 1.79
N ALA A 206 5.95 -6.27 0.83
CA ALA A 206 6.58 -4.93 1.01
C ALA A 206 5.59 -3.86 1.45
N SER A 207 4.43 -3.79 0.81
CA SER A 207 3.47 -2.78 1.17
C SER A 207 3.01 -2.85 2.61
N ALA A 208 2.85 -4.07 3.13
CA ALA A 208 2.34 -4.26 4.48
C ALA A 208 3.40 -4.06 5.53
N VAL A 209 4.55 -4.66 5.31
CA VAL A 209 5.63 -4.60 6.29
C VAL A 209 6.28 -3.22 6.38
N LYS A 210 6.32 -2.48 5.27
CA LYS A 210 6.89 -1.14 5.33
C LYS A 210 6.22 -0.28 6.42
N ASN A 211 4.90 -0.42 6.59
CA ASN A 211 4.23 0.40 7.62
C ASN A 211 4.67 0.06 9.02
N VAL A 212 5.09 -1.18 9.25
CA VAL A 212 5.55 -1.61 10.57
C VAL A 212 6.97 -1.11 10.76
N LEU A 213 7.78 -1.32 9.74
CA LEU A 213 9.15 -0.84 9.75
C LEU A 213 9.14 0.67 9.98
N ALA A 214 8.15 1.36 9.42
CA ALA A 214 8.11 2.82 9.54
C ALA A 214 7.86 3.31 10.99
N ILE A 215 7.35 2.43 11.85
CA ILE A 215 7.20 2.83 13.25
C ILE A 215 8.56 2.64 13.92
N GLY A 216 9.31 1.66 13.43
CA GLY A 216 10.65 1.43 13.93
C GLY A 216 11.49 2.66 13.65
N SER A 217 11.26 3.26 12.49
CA SER A 217 12.02 4.42 12.09
C SER A 217 11.77 5.51 13.12
N GLY A 218 10.50 5.68 13.48
CA GLY A 218 10.10 6.61 14.53
C GLY A 218 10.76 6.17 15.83
N VAL A 219 10.70 4.88 16.16
CA VAL A 219 11.33 4.47 17.41
C VAL A 219 12.76 4.97 17.42
N ALA A 220 13.52 4.64 16.37
CA ALA A 220 14.91 5.03 16.29
C ALA A 220 15.13 6.51 16.61
N ASN A 221 14.35 7.38 15.97
CA ASN A 221 14.47 8.82 16.15
C ASN A 221 14.12 9.27 17.58
N GLY A 222 13.05 8.72 18.14
CA GLY A 222 12.66 9.10 19.48
C GLY A 222 13.72 8.66 20.48
N LEU A 223 14.52 7.68 20.06
CA LEU A 223 15.54 7.11 20.93
C LEU A 223 16.83 7.93 20.88
N GLY A 224 16.86 8.97 20.05
CA GLY A 224 18.04 9.78 19.90
C GLY A 224 18.91 9.45 18.69
N MET A 225 18.62 8.34 17.99
CA MET A 225 19.41 7.93 16.82
C MET A 225 19.26 8.88 15.64
N GLY A 226 20.12 8.73 14.64
CA GLY A 226 20.12 9.65 13.52
C GLY A 226 19.95 8.96 12.18
N LEU A 227 20.51 9.54 11.14
CA LEU A 227 20.33 9.03 9.79
C LEU A 227 21.09 7.74 9.46
N ASN A 228 22.21 7.50 10.14
CA ASN A 228 22.95 6.27 9.91
C ASN A 228 22.05 5.10 10.33
N ALA A 229 21.47 5.24 11.51
CA ALA A 229 20.55 4.28 12.08
C ALA A 229 19.40 3.95 11.16
N ARG A 230 18.74 4.99 10.65
CA ARG A 230 17.57 4.79 9.83
C ARG A 230 17.96 4.02 8.57
N ALA A 231 19.09 4.41 7.97
CA ALA A 231 19.58 3.70 6.80
C ALA A 231 19.78 2.22 7.09
N ALA A 232 20.35 1.90 8.24
CA ALA A 232 20.54 0.49 8.61
C ALA A 232 19.22 -0.23 8.87
N LEU A 233 18.23 0.49 9.38
CA LEU A 233 16.93 -0.09 9.61
C LEU A 233 16.28 -0.47 8.27
N ILE A 234 16.39 0.42 7.29
CA ILE A 234 15.83 0.16 5.97
C ILE A 234 16.46 -1.06 5.31
N MET A 235 17.77 -1.19 5.43
CA MET A 235 18.53 -2.28 4.84
C MET A 235 18.23 -3.63 5.50
N ARG A 236 18.29 -3.70 6.82
CA ARG A 236 17.96 -4.95 7.53
C ARG A 236 16.47 -5.25 7.43
N GLY A 237 15.65 -4.22 7.54
CA GLY A 237 14.21 -4.39 7.45
C GLY A 237 13.82 -5.07 6.15
N LEU A 238 14.52 -4.72 5.07
CA LEU A 238 14.25 -5.31 3.76
C LEU A 238 14.45 -6.83 3.72
N LEU A 239 15.44 -7.34 4.43
CA LEU A 239 15.68 -8.79 4.48
C LEU A 239 14.44 -9.49 5.04
N GLU A 240 13.80 -8.84 6.00
CA GLU A 240 12.58 -9.34 6.64
C GLU A 240 11.44 -9.39 5.63
N ILE A 241 11.34 -8.38 4.78
CA ILE A 241 10.38 -8.38 3.68
C ILE A 241 10.75 -9.49 2.69
N ARG A 242 12.03 -9.65 2.41
CA ARG A 242 12.46 -10.74 1.50
C ARG A 242 12.16 -12.17 2.05
N ASP A 243 12.35 -12.38 3.35
CA ASP A 243 12.18 -13.71 3.91
C ASP A 243 10.70 -14.08 4.03
N LEU A 244 9.87 -13.09 4.33
CA LEU A 244 8.47 -13.36 4.49
C LEU A 244 7.95 -13.63 3.10
N THR A 245 8.46 -12.92 2.14
CA THR A 245 8.10 -13.11 0.75
C THR A 245 8.42 -14.51 0.26
N ALA A 246 9.62 -14.99 0.56
CA ALA A 246 10.02 -16.35 0.16
C ALA A 246 9.03 -17.42 0.67
N ALA A 247 8.70 -17.32 1.96
CA ALA A 247 7.81 -18.24 2.67
C ALA A 247 6.38 -18.28 2.14
N LEU A 248 5.96 -17.16 1.53
CA LEU A 248 4.59 -17.08 1.04
C LEU A 248 4.49 -17.47 -0.42
N GLY A 249 5.61 -17.84 -1.04
CA GLY A 249 5.58 -18.28 -2.43
C GLY A 249 6.02 -17.30 -3.50
N GLY A 250 6.29 -16.06 -3.14
CA GLY A 250 6.68 -15.06 -4.11
C GLY A 250 8.04 -15.29 -4.71
N ASP A 251 8.25 -14.78 -5.92
CA ASP A 251 9.54 -14.98 -6.57
C ASP A 251 10.54 -13.94 -6.09
N GLY A 252 10.07 -12.94 -5.37
CA GLY A 252 10.95 -11.95 -4.78
C GLY A 252 11.56 -10.84 -5.64
N SER A 253 11.25 -10.79 -6.93
CA SER A 253 11.83 -9.76 -7.80
C SER A 253 11.36 -8.33 -7.52
N ALA A 254 10.30 -8.16 -6.74
CA ALA A 254 9.83 -6.82 -6.40
C ALA A 254 10.55 -6.27 -5.19
N VAL A 255 11.19 -7.15 -4.45
CA VAL A 255 11.85 -6.81 -3.19
C VAL A 255 12.89 -5.70 -3.26
N PHE A 256 13.84 -5.82 -4.19
CA PHE A 256 14.85 -4.80 -4.28
C PHE A 256 14.49 -3.74 -5.30
N GLY A 257 13.21 -3.67 -5.66
CA GLY A 257 12.74 -2.69 -6.62
C GLY A 257 11.84 -1.60 -6.05
N LEU A 258 10.97 -1.05 -6.90
CA LEU A 258 10.14 0.06 -6.50
C LEU A 258 9.21 -0.25 -5.33
N ALA A 259 8.59 -1.43 -5.37
CA ALA A 259 7.61 -1.84 -4.36
C ALA A 259 8.27 -2.12 -3.04
N GLY A 260 9.50 -2.63 -3.12
CA GLY A 260 10.27 -2.93 -1.92
C GLY A 260 11.17 -1.81 -1.44
N LEU A 261 12.44 -1.84 -1.81
CA LEU A 261 13.38 -0.81 -1.36
C LEU A 261 12.85 0.60 -1.56
N GLY A 262 12.26 0.85 -2.72
CA GLY A 262 11.75 2.16 -3.07
C GLY A 262 10.71 2.68 -2.11
N ASP A 263 9.63 1.91 -1.93
CA ASP A 263 8.54 2.36 -1.05
C ASP A 263 9.00 2.34 0.40
N LEU A 264 9.91 1.42 0.71
CA LEU A 264 10.39 1.26 2.06
C LEU A 264 11.21 2.47 2.49
N GLN A 265 12.14 2.86 1.63
CA GLN A 265 13.01 3.98 1.97
C GLN A 265 12.14 5.23 2.14
N LEU A 266 11.22 5.45 1.21
CA LEU A 266 10.32 6.58 1.31
C LEU A 266 9.53 6.62 2.61
N THR A 267 8.77 5.56 2.87
CA THR A 267 7.88 5.52 4.02
C THR A 267 8.57 5.69 5.38
N CYS A 268 9.85 5.33 5.45
CA CYS A 268 10.60 5.39 6.70
C CYS A 268 11.21 6.77 6.97
N SER A 269 11.33 7.60 5.94
CA SER A 269 11.87 8.94 6.12
C SER A 269 10.76 9.94 6.19
N SER A 270 9.53 9.45 6.23
CA SER A 270 8.37 10.33 6.29
C SER A 270 8.19 10.80 7.73
N GLU A 271 9.06 11.72 8.15
CA GLU A 271 9.05 12.22 9.52
C GLU A 271 7.72 12.74 10.03
N LEU A 272 6.84 13.15 9.12
CA LEU A 272 5.54 13.66 9.51
C LEU A 272 4.44 12.64 9.29
N SER A 273 4.81 11.41 8.98
CA SER A 273 3.81 10.37 8.80
C SER A 273 3.36 9.91 10.17
N ARG A 274 2.13 9.42 10.27
CA ARG A 274 1.65 8.96 11.55
C ARG A 274 2.40 7.73 12.03
N ASN A 275 2.87 6.88 11.11
CA ASN A 275 3.69 5.74 11.49
C ASN A 275 4.94 6.24 12.25
N PHE A 276 5.61 7.24 11.69
CA PHE A 276 6.83 7.81 12.29
C PHE A 276 6.54 8.43 13.65
N THR A 277 5.51 9.29 13.69
CA THR A 277 5.20 10.03 14.90
C THR A 277 4.84 9.14 16.06
N VAL A 278 4.12 8.05 15.77
CA VAL A 278 3.76 7.10 16.80
C VAL A 278 5.03 6.47 17.33
N GLY A 279 5.86 5.95 16.42
CA GLY A 279 7.10 5.32 16.84
C GLY A 279 7.97 6.26 17.63
N LYS A 280 8.04 7.50 17.15
CA LYS A 280 8.78 8.55 17.82
C LYS A 280 8.32 8.80 19.26
N LYS A 281 7.02 8.76 19.51
CA LYS A 281 6.52 8.90 20.88
C LYS A 281 6.90 7.67 21.70
N LEU A 282 6.67 6.50 21.13
CA LEU A 282 7.03 5.28 21.83
C LEU A 282 8.51 5.36 22.15
N GLY A 283 9.25 6.00 21.25
CA GLY A 283 10.69 6.12 21.40
C GLY A 283 10.99 7.03 22.57
N LYS A 284 10.22 8.10 22.67
CA LYS A 284 10.40 9.05 23.75
C LYS A 284 9.87 8.51 25.07
N GLY A 285 9.22 7.35 25.01
CA GLY A 285 8.72 6.73 26.23
C GLY A 285 7.23 6.78 26.48
N LEU A 286 6.51 7.64 25.74
CA LEU A 286 5.06 7.73 25.89
C LEU A 286 4.42 6.36 25.66
N PRO A 287 3.55 5.95 26.57
CA PRO A 287 2.83 4.67 26.44
C PRO A 287 1.87 4.73 25.25
N ILE A 288 1.67 3.60 24.57
CA ILE A 288 0.80 3.56 23.41
C ILE A 288 -0.61 4.08 23.71
N GLU A 289 -1.11 3.80 24.90
CA GLU A 289 -2.45 4.26 25.29
C GLU A 289 -2.52 5.77 25.27
N GLU A 290 -1.48 6.40 25.80
CA GLU A 290 -1.38 7.86 25.84
C GLU A 290 -1.37 8.43 24.42
N ILE A 291 -0.70 7.75 23.51
CA ILE A 291 -0.55 8.20 22.13
C ILE A 291 -1.86 8.27 21.36
N GLN A 292 -2.36 7.12 20.95
CA GLN A 292 -3.59 7.03 20.15
C GLN A 292 -4.61 8.14 20.40
N ARG A 293 -4.74 9.03 19.42
CA ARG A 293 -5.65 10.18 19.47
C ARG A 293 -6.11 10.61 18.07
N ALA A 297 -7.80 8.20 14.58
CA ALA A 297 -6.91 8.09 13.42
C ALA A 297 -5.72 7.18 13.73
N VAL A 298 -5.92 5.87 13.56
CA VAL A 298 -4.88 4.88 13.84
C VAL A 298 -3.78 4.87 12.78
N ALA A 299 -2.60 4.41 13.16
CA ALA A 299 -1.48 4.29 12.24
C ALA A 299 -1.47 2.89 11.64
N GLU A 300 -1.26 2.81 10.33
CA GLU A 300 -1.24 1.54 9.62
C GLU A 300 -0.33 0.50 10.28
N GLY A 301 0.88 0.90 10.63
CA GLY A 301 1.84 -0.03 11.19
C GLY A 301 1.42 -0.64 12.51
N VAL A 302 0.64 0.11 13.27
CA VAL A 302 0.15 -0.33 14.56
C VAL A 302 -0.82 -1.48 14.36
N ALA A 303 -1.75 -1.29 13.45
CA ALA A 303 -2.75 -2.31 13.15
C ALA A 303 -2.11 -3.52 12.49
N THR A 304 -1.12 -3.28 11.63
CA THR A 304 -0.50 -4.36 10.89
C THR A 304 0.45 -5.24 11.70
N ALA A 305 1.08 -4.68 12.72
CA ALA A 305 2.08 -5.42 13.50
C ALA A 305 1.58 -6.75 14.07
N ASP A 306 0.37 -6.75 14.62
CA ASP A 306 -0.22 -7.93 15.22
C ASP A 306 -0.37 -9.09 14.22
N PRO A 307 -1.21 -8.93 13.20
CA PRO A 307 -1.35 -9.96 12.17
C PRO A 307 -0.03 -10.33 11.53
N LEU A 308 0.80 -9.34 11.23
CA LEU A 308 2.12 -9.60 10.64
C LEU A 308 2.91 -10.58 11.48
N MET A 309 2.87 -10.37 12.80
CA MET A 309 3.54 -11.24 13.77
C MET A 309 2.91 -12.64 13.78
N ARG A 310 1.58 -12.73 13.71
CA ARG A 310 0.93 -14.03 13.71
C ARG A 310 1.24 -14.79 12.44
N LEU A 311 1.27 -14.08 11.31
CA LEU A 311 1.58 -14.72 10.04
C LEU A 311 3.01 -15.21 10.03
N ALA A 312 3.92 -14.40 10.54
CA ALA A 312 5.33 -14.76 10.55
C ALA A 312 5.55 -16.03 11.38
N LYS A 313 4.92 -16.05 12.55
CA LYS A 313 5.00 -17.16 13.47
C LYS A 313 4.49 -18.42 12.79
N GLN A 314 3.32 -18.33 12.19
CA GLN A 314 2.70 -19.45 11.50
C GLN A 314 3.57 -20.01 10.38
N LEU A 315 4.45 -19.19 9.84
CA LEU A 315 5.29 -19.63 8.73
C LEU A 315 6.73 -19.85 9.17
N LYS A 316 6.98 -19.65 10.46
CA LYS A 316 8.30 -19.85 11.00
C LYS A 316 9.35 -18.97 10.32
N VAL A 317 9.02 -17.71 10.06
CA VAL A 317 9.97 -16.78 9.48
C VAL A 317 10.48 -15.85 10.59
N LYS A 318 11.78 -15.73 10.74
CA LYS A 318 12.32 -14.79 11.72
C LYS A 318 12.31 -13.42 11.10
N MET A 319 11.68 -12.48 11.79
CA MET A 319 11.59 -11.08 11.41
C MET A 319 11.94 -10.23 12.62
N PRO A 320 13.23 -10.16 12.95
CA PRO A 320 13.72 -9.50 14.17
C PRO A 320 13.22 -8.08 14.44
N LEU A 321 13.38 -7.21 13.45
CA LEU A 321 12.91 -5.84 13.61
C LEU A 321 11.41 -5.78 13.80
N CYS A 322 10.68 -6.60 13.04
CA CYS A 322 9.22 -6.53 13.12
C CYS A 322 8.69 -7.09 14.44
N HIS A 323 9.39 -8.06 15.02
CA HIS A 323 8.95 -8.57 16.32
C HIS A 323 9.18 -7.55 17.42
N GLN A 324 10.40 -7.03 17.49
CA GLN A 324 10.72 -6.01 18.49
C GLN A 324 9.80 -4.79 18.33
N ILE A 325 9.38 -4.51 17.10
CA ILE A 325 8.47 -3.37 16.90
C ILE A 325 7.09 -3.75 17.44
N TYR A 326 6.71 -4.99 17.21
CA TYR A 326 5.44 -5.50 17.72
C TYR A 326 5.39 -5.47 19.26
N GLU A 327 6.46 -5.94 19.90
CA GLU A 327 6.53 -5.96 21.36
C GLU A 327 6.44 -4.53 21.89
N ILE A 328 7.19 -3.63 21.28
CA ILE A 328 7.13 -2.24 21.71
C ILE A 328 5.70 -1.71 21.65
N VAL A 329 5.00 -2.03 20.57
CA VAL A 329 3.65 -1.55 20.37
C VAL A 329 2.58 -2.26 21.19
N TYR A 330 2.69 -3.58 21.31
CA TYR A 330 1.64 -4.33 21.98
C TYR A 330 1.93 -4.81 23.40
N LYS A 331 3.20 -4.89 23.78
CA LYS A 331 3.52 -5.46 25.09
C LYS A 331 4.40 -4.60 25.97
N LYS A 332 4.17 -3.28 25.91
CA LYS A 332 4.89 -2.33 26.76
C LYS A 332 6.39 -2.57 26.89
N LYS A 333 7.03 -3.05 25.84
CA LYS A 333 8.47 -3.30 25.90
C LYS A 333 9.23 -2.00 25.75
N ASN A 334 10.22 -1.81 26.61
CA ASN A 334 11.07 -0.63 26.56
C ASN A 334 11.90 -0.63 25.27
N PRO A 335 11.73 0.42 24.47
CA PRO A 335 12.45 0.55 23.20
C PRO A 335 13.94 0.28 23.35
N ARG A 336 14.50 0.65 24.50
CA ARG A 336 15.93 0.50 24.72
C ARG A 336 16.24 -0.96 25.01
N ASP A 337 15.33 -1.60 25.73
CA ASP A 337 15.47 -3.01 26.03
C ASP A 337 15.34 -3.77 24.72
N ALA A 338 14.46 -3.27 23.86
CA ALA A 338 14.22 -3.87 22.55
C ALA A 338 15.47 -3.75 21.68
N LEU A 339 16.03 -2.56 21.62
CA LEU A 339 17.22 -2.33 20.82
C LEU A 339 18.34 -3.28 21.25
N ALA A 340 18.62 -3.32 22.54
CA ALA A 340 19.67 -4.19 23.07
C ALA A 340 19.45 -5.65 22.75
N ASP A 341 18.20 -6.10 22.84
CA ASP A 341 17.90 -7.51 22.55
C ASP A 341 18.13 -7.79 21.09
N LEU A 342 17.76 -6.83 20.25
CA LEU A 342 17.94 -6.91 18.84
C LEU A 342 19.43 -7.05 18.55
N LEU A 343 20.24 -6.33 19.34
CA LEU A 343 21.69 -6.38 19.20
C LEU A 343 22.34 -7.48 20.04
N SER A 344 21.54 -8.29 20.71
CA SER A 344 22.06 -9.39 21.53
C SER A 344 22.65 -10.52 20.68
N CYS A 345 22.40 -10.47 19.37
CA CYS A 345 22.84 -11.51 18.44
C CYS A 345 24.35 -11.73 18.39
N GLY A 346 25.11 -10.67 18.61
CA GLY A 346 26.56 -10.77 18.49
C GLY A 346 27.03 -10.48 17.07
N LEU A 347 28.34 -10.53 16.87
CA LEU A 347 28.95 -10.21 15.59
C LEU A 347 28.55 -11.18 14.46
N GLN A 348 27.93 -10.64 13.41
CA GLN A 348 27.43 -11.47 12.31
C GLN A 348 27.95 -11.08 10.92
N ASP A 349 27.75 -11.98 9.97
CA ASP A 349 28.05 -11.72 8.57
C ASP A 349 26.86 -10.96 8.03
N GLU A 350 27.07 -10.15 7.00
CA GLU A 350 25.95 -9.41 6.44
C GLU A 350 24.81 -10.35 5.99
N GLY A 351 25.14 -11.54 5.52
CA GLY A 351 24.11 -12.51 5.15
C GLY A 351 23.37 -12.34 3.81
N LEU A 352 23.96 -11.63 2.86
CA LEU A 352 23.35 -11.54 1.55
C LEU A 352 24.08 -12.50 0.59
N PRO A 353 23.33 -13.16 -0.26
CA PRO A 353 23.93 -14.02 -1.28
C PRO A 353 24.64 -13.21 -2.36
N PRO A 354 25.61 -13.84 -2.99
CA PRO A 354 26.29 -13.25 -4.14
C PRO A 354 25.29 -13.10 -5.27
N LEU A 355 25.43 -12.07 -6.08
CA LEU A 355 24.58 -11.95 -7.24
C LEU A 355 25.29 -12.64 -8.40
N PHE A 356 26.61 -12.52 -8.42
CA PHE A 356 27.42 -13.06 -9.49
C PHE A 356 28.39 -14.12 -8.99
N LYS A 357 28.36 -15.27 -9.64
CA LYS A 357 29.18 -16.40 -9.27
C LYS A 357 30.58 -16.28 -9.88
O6 BOA B . -18.41 -0.43 6.84
C6 BOA B . -17.64 0.21 6.10
N1 BOA B . -17.43 -0.15 4.84
C2 BOA B . -16.61 0.54 4.02
BR BOA B . -16.41 -0.09 2.27
C5 BOA B . -16.92 1.42 6.58
C4 BOA B . -16.03 2.11 5.64
N3 BOA B . -15.92 1.63 4.40
N7 BOA B . -16.85 2.08 7.74
C8 BOA B . -16.01 3.13 7.57
N9 BOA B . -15.51 3.15 6.30
C1 PLM C . 19.73 -8.46 13.85
O1 PLM C . 19.33 -9.39 14.68
O2 PLM C . 19.77 -8.77 12.57
C2 PLM C . 20.14 -7.07 14.34
C3 PLM C . 19.76 -6.02 13.31
C4 PLM C . 19.72 -4.62 13.94
C5 PLM C . 19.60 -3.53 12.87
C6 PLM C . 19.94 -2.17 13.47
C7 PLM C . 18.93 -1.12 13.03
C8 PLM C . 18.39 -0.40 14.25
C9 PLM C . 17.81 0.94 13.86
CA PLM C . 17.18 1.53 15.08
CB PLM C . 16.51 0.42 15.87
CC PLM C . 15.10 0.85 16.25
CD PLM C . 14.57 -0.05 17.34
CE PLM C . 13.30 -0.70 16.85
CF PLM C . 12.95 -1.89 17.72
CG PLM C . 11.44 -1.93 17.90
#